data_2AWH
#
_entry.id   2AWH
#
_cell.length_a   37.220
_cell.length_b   96.717
_cell.length_c   92.304
_cell.angle_alpha   90.00
_cell.angle_beta   89.96
_cell.angle_gamma   90.00
#
_symmetry.space_group_name_H-M   'P 1 21 1'
#
loop_
_entity.id
_entity.type
_entity.pdbx_description
1 polymer 'Peroxisome proliferator activated receptor delta'
2 non-polymer 'heptyl beta-D-glucopyranoside'
3 non-polymer 'VACCENIC ACID'
4 water water
#
_entity_poly.entity_id   1
_entity_poly.type   'polypeptide(L)'
_entity_poly.pdbx_seq_one_letter_code
;DLKAFSKHIYNAYLKNFNMTKKKARSILTGKASHTAPFVIHDIETLWQAEKGLVWKQLVNGLPPYKEISVHVFYRCQCTT
VETVRELTEFAKSIPSFSSLFLNDQVTLLKYGVHEAIFAMLASIVNKDGLLVANGSGFVTREFLRSLRKPFSDIIEPKFE
FAVKFNALELDDSDLALFIAAIILCGDRPGLMNVPRVEAIQDTILRALEFHLQANHPDAQQLFPKLLQKMADLRQLVTEH
AQMMQRIKKTETETSLHPLLQEIYKDMY
;
_entity_poly.pdbx_strand_id   A,B
#
loop_
_chem_comp.id
_chem_comp.type
_chem_comp.name
_chem_comp.formula
B7G D-saccharide 'heptyl beta-D-glucopyranoside' 'C13 H26 O6'
VCA non-polymer 'VACCENIC ACID' 'C18 H34 O2'
#
# COMPACT_ATOMS: atom_id res chain seq x y z
N ASP A 1 5.78 27.85 -9.22
CA ASP A 1 5.66 27.96 -10.70
C ASP A 1 4.67 26.93 -11.25
N LEU A 2 3.45 27.40 -11.51
CA LEU A 2 2.34 26.55 -11.94
C LEU A 2 2.60 25.98 -13.32
N LYS A 3 3.50 26.61 -14.07
CA LYS A 3 3.79 26.19 -15.44
C LYS A 3 4.82 25.04 -15.44
N ALA A 4 5.80 25.15 -14.55
CA ALA A 4 6.79 24.10 -14.31
C ALA A 4 6.18 22.84 -13.69
N PHE A 5 5.29 23.04 -12.72
CA PHE A 5 4.59 21.93 -12.12
C PHE A 5 3.81 21.19 -13.21
N SER A 6 3.05 21.91 -14.02
CA SER A 6 2.30 21.34 -15.13
C SER A 6 3.15 20.53 -16.09
N LYS A 7 4.35 21.05 -16.42
CA LYS A 7 5.23 20.39 -17.35
C LYS A 7 5.76 19.08 -16.79
N HIS A 8 6.11 19.09 -15.51
CA HIS A 8 6.59 17.91 -14.82
C HIS A 8 5.49 16.82 -14.83
N ILE A 9 4.25 17.18 -14.49
CA ILE A 9 3.15 16.20 -14.55
C ILE A 9 2.93 15.71 -15.98
N TYR A 10 2.98 16.62 -16.96
CA TYR A 10 2.85 16.21 -18.36
C TYR A 10 3.90 15.17 -18.75
N ASN A 11 5.14 15.40 -18.33
CA ASN A 11 6.22 14.47 -18.67
C ASN A 11 6.11 13.14 -17.94
N ALA A 12 5.61 13.16 -16.71
CA ALA A 12 5.39 11.90 -15.96
C ALA A 12 4.35 11.07 -16.71
N TYR A 13 3.38 11.74 -17.30
CA TYR A 13 2.34 11.08 -18.08
C TYR A 13 2.83 10.50 -19.42
N LEU A 14 3.58 11.31 -20.17
CA LEU A 14 4.28 10.83 -21.39
C LEU A 14 5.14 9.60 -21.11
N LYS A 15 5.87 9.64 -20.00
CA LYS A 15 6.70 8.50 -19.61
C LYS A 15 5.93 7.20 -19.33
N ASN A 16 4.78 7.32 -18.70
CA ASN A 16 4.11 6.15 -18.12
C ASN A 16 3.01 5.53 -19.00
N PHE A 17 2.51 6.33 -19.96
CA PHE A 17 1.46 5.90 -20.90
C PHE A 17 1.93 5.98 -22.37
N ASN A 18 2.02 4.81 -23.02
CA ASN A 18 2.52 4.77 -24.41
C ASN A 18 1.56 5.39 -25.41
N MET A 19 0.30 4.99 -25.32
CA MET A 19 -0.73 5.52 -26.16
C MET A 19 -1.19 6.83 -25.57
N THR A 20 -0.99 7.91 -26.32
CA THR A 20 -1.44 9.23 -25.92
C THR A 20 -2.63 9.58 -26.79
N LYS A 21 -3.38 10.59 -26.38
CA LYS A 21 -4.49 11.07 -27.18
C LYS A 21 -3.96 11.55 -28.54
N LYS A 22 -2.78 12.16 -28.50
CA LYS A 22 -2.16 12.66 -29.73
C LYS A 22 -1.97 11.51 -30.70
N LYS A 23 -1.34 10.44 -30.24
CA LYS A 23 -1.04 9.29 -31.08
C LYS A 23 -2.31 8.57 -31.51
N ALA A 24 -3.26 8.43 -30.59
CA ALA A 24 -4.57 7.82 -30.87
C ALA A 24 -5.33 8.55 -31.97
N ARG A 25 -5.43 9.87 -31.84
CA ARG A 25 -6.16 10.70 -32.80
C ARG A 25 -5.59 10.68 -34.23
N SER A 26 -4.27 10.61 -34.36
CA SER A 26 -3.66 10.52 -35.68
C SER A 26 -3.87 9.13 -36.29
N ILE A 27 -3.87 8.09 -35.46
CA ILE A 27 -4.31 6.75 -35.93
C ILE A 27 -5.77 6.74 -36.34
N LEU A 28 -6.66 7.26 -35.49
CA LEU A 28 -8.09 7.26 -35.79
C LEU A 28 -8.48 8.03 -37.08
N THR A 29 -7.49 8.65 -37.73
CA THR A 29 -7.68 9.26 -39.07
C THR A 29 -6.39 9.24 -39.92
N HIS A 34 1.59 5.68 -41.55
CA HIS A 34 1.57 4.32 -41.00
C HIS A 34 0.27 3.56 -41.32
N THR A 35 0.33 2.24 -41.15
CA THR A 35 -0.73 1.32 -41.56
C THR A 35 -1.91 1.30 -40.59
N ALA A 36 -3.11 1.17 -41.15
CA ALA A 36 -4.39 1.19 -40.40
C ALA A 36 -4.53 0.02 -39.40
N PRO A 37 -5.35 0.22 -38.35
CA PRO A 37 -5.58 -0.86 -37.38
C PRO A 37 -6.51 -1.94 -37.96
N PHE A 38 -6.29 -3.18 -37.55
CA PHE A 38 -7.14 -4.29 -37.93
C PHE A 38 -8.51 -4.18 -37.22
N VAL A 39 -9.60 -4.26 -37.98
CA VAL A 39 -10.93 -4.10 -37.37
C VAL A 39 -11.51 -5.41 -36.78
N ILE A 40 -11.74 -5.40 -35.47
CA ILE A 40 -12.33 -6.55 -34.75
C ILE A 40 -13.81 -6.26 -34.52
N HIS A 41 -14.68 -7.07 -35.13
CA HIS A 41 -16.11 -6.78 -35.11
C HIS A 41 -16.99 -8.03 -34.99
N ASP A 42 -16.36 -9.19 -34.78
CA ASP A 42 -17.06 -10.47 -34.68
C ASP A 42 -16.10 -11.56 -34.18
N ILE A 43 -16.61 -12.77 -34.00
CA ILE A 43 -15.79 -13.88 -33.50
C ILE A 43 -14.61 -14.18 -34.42
N GLU A 44 -14.84 -14.15 -35.72
CA GLU A 44 -13.83 -14.54 -36.66
C GLU A 44 -12.65 -13.57 -36.62
N THR A 45 -12.94 -12.27 -36.72
CA THR A 45 -11.89 -11.25 -36.71
C THR A 45 -11.14 -11.15 -35.38
N LEU A 46 -11.84 -11.42 -34.28
CA LEU A 46 -11.17 -11.53 -32.97
C LEU A 46 -10.16 -12.67 -32.98
N TRP A 47 -10.57 -13.82 -33.50
CA TRP A 47 -9.68 -14.97 -33.62
C TRP A 47 -8.42 -14.61 -34.45
N GLN A 48 -8.61 -13.99 -35.61
CA GLN A 48 -7.49 -13.51 -36.40
C GLN A 48 -6.62 -12.51 -35.61
N ALA A 49 -7.25 -11.60 -34.89
CA ALA A 49 -6.53 -10.59 -34.12
C ALA A 49 -5.60 -11.24 -33.11
N GLU A 50 -6.08 -12.27 -32.44
CA GLU A 50 -5.26 -12.99 -31.47
C GLU A 50 -4.28 -13.97 -32.12
N LYS A 51 -4.40 -14.15 -33.44
CA LYS A 51 -3.45 -15.00 -34.18
C LYS A 51 -2.19 -14.23 -34.56
N GLY A 52 -1.97 -13.09 -33.92
CA GLY A 52 -0.75 -12.33 -34.13
C GLY A 52 -0.93 -11.08 -34.98
N LEU A 53 -2.15 -10.87 -35.49
CA LEU A 53 -2.46 -9.63 -36.20
C LEU A 53 -2.51 -8.42 -35.26
N VAL A 54 -3.04 -8.62 -34.06
CA VAL A 54 -3.22 -7.53 -33.09
C VAL A 54 -2.45 -7.83 -31.81
N TRP A 55 -2.66 -9.03 -31.27
CA TRP A 55 -1.95 -9.51 -30.08
C TRP A 55 -0.97 -10.63 -30.45
N LYS A 56 0.03 -10.85 -29.60
CA LYS A 56 1.02 -11.93 -29.81
C LYS A 56 1.12 -12.86 -28.62
N GLU A 67 -17.32 -18.74 -24.09
CA GLU A 67 -18.14 -17.92 -24.97
C GLU A 67 -17.50 -16.58 -25.26
N ILE A 68 -17.82 -16.02 -26.43
CA ILE A 68 -17.30 -14.75 -26.90
C ILE A 68 -17.38 -13.63 -25.85
N SER A 69 -18.50 -13.52 -25.14
CA SER A 69 -18.73 -12.42 -24.19
C SER A 69 -17.70 -12.43 -23.05
N VAL A 70 -17.39 -13.62 -22.53
CA VAL A 70 -16.45 -13.80 -21.44
C VAL A 70 -15.02 -13.60 -21.95
N HIS A 71 -14.69 -14.17 -23.10
CA HIS A 71 -13.37 -13.94 -23.65
C HIS A 71 -13.04 -12.44 -23.84
N VAL A 72 -14.00 -11.66 -24.37
CA VAL A 72 -13.86 -10.20 -24.47
C VAL A 72 -13.67 -9.58 -23.07
N PHE A 73 -14.47 -10.05 -22.12
CA PHE A 73 -14.41 -9.54 -20.75
C PHE A 73 -13.00 -9.75 -20.18
N TYR A 74 -12.39 -10.90 -20.49
CA TYR A 74 -11.05 -11.23 -20.02
C TYR A 74 -9.99 -10.35 -20.65
N ARG A 75 -10.17 -10.03 -21.93
CA ARG A 75 -9.31 -9.05 -22.61
C ARG A 75 -9.45 -7.65 -22.00
N CYS A 76 -10.68 -7.26 -21.65
CA CYS A 76 -10.93 -6.04 -20.89
C CYS A 76 -10.16 -5.99 -19.56
N GLN A 77 -10.26 -7.07 -18.77
CA GLN A 77 -9.50 -7.22 -17.51
C GLN A 77 -7.99 -7.08 -17.69
N CYS A 78 -7.48 -7.69 -18.74
CA CYS A 78 -6.05 -7.69 -19.02
C CYS A 78 -5.56 -6.25 -19.32
N THR A 79 -6.33 -5.52 -20.10
CA THR A 79 -6.03 -4.14 -20.46
C THR A 79 -6.12 -3.21 -19.24
N THR A 80 -7.16 -3.36 -18.40
CA THR A 80 -7.31 -2.40 -17.31
C THR A 80 -6.25 -2.63 -16.24
N VAL A 81 -5.94 -3.89 -15.95
CA VAL A 81 -4.87 -4.20 -14.98
C VAL A 81 -3.49 -3.68 -15.48
N GLU A 82 -3.25 -3.72 -16.77
CA GLU A 82 -2.03 -3.07 -17.32
C GLU A 82 -2.07 -1.55 -17.07
N THR A 83 -3.24 -0.92 -17.22
CA THR A 83 -3.38 0.50 -16.99
C THR A 83 -3.25 0.84 -15.50
N VAL A 84 -3.78 -0.03 -14.63
CA VAL A 84 -3.54 0.11 -13.19
C VAL A 84 -2.03 0.19 -12.91
N ARG A 85 -1.25 -0.75 -13.45
CA ARG A 85 0.21 -0.74 -13.31
C ARG A 85 0.82 0.57 -13.77
N GLU A 86 0.44 1.08 -14.95
CA GLU A 86 0.96 2.36 -15.43
C GLU A 86 0.56 3.50 -14.50
N LEU A 87 -0.69 3.50 -13.99
CA LEU A 87 -1.14 4.56 -13.08
C LEU A 87 -0.38 4.57 -11.75
N THR A 88 -0.05 3.40 -11.23
CA THR A 88 0.73 3.27 -9.98
C THR A 88 2.15 3.90 -10.13
N GLU A 89 2.77 3.65 -11.28
CA GLU A 89 4.07 4.28 -11.60
C GLU A 89 3.96 5.76 -11.81
N PHE A 90 2.94 6.19 -12.56
CA PHE A 90 2.61 7.59 -12.76
C PHE A 90 2.46 8.35 -11.45
N ALA A 91 1.71 7.78 -10.51
CA ALA A 91 1.48 8.38 -9.19
C ALA A 91 2.77 8.73 -8.43
N LYS A 92 3.74 7.83 -8.43
CA LYS A 92 5.05 8.13 -7.87
C LYS A 92 5.65 9.47 -8.30
N SER A 93 5.25 10.00 -9.46
CA SER A 93 5.87 11.24 -9.96
C SER A 93 5.07 12.51 -9.65
N ILE A 94 3.88 12.32 -9.08
CA ILE A 94 3.07 13.44 -8.60
C ILE A 94 3.77 13.88 -7.33
N PRO A 95 4.20 15.16 -7.26
CA PRO A 95 4.86 15.66 -6.05
C PRO A 95 4.07 15.37 -4.77
N SER A 96 4.79 14.76 -3.82
CA SER A 96 4.30 14.50 -2.48
C SER A 96 3.48 13.20 -2.36
N PHE A 97 3.07 12.59 -3.48
CA PHE A 97 2.40 11.29 -3.42
C PHE A 97 3.22 10.22 -2.66
N SER A 98 4.49 10.11 -3.02
CA SER A 98 5.41 9.13 -2.44
C SER A 98 5.75 9.36 -0.98
N SER A 99 5.53 10.58 -0.48
CA SER A 99 5.78 10.86 0.92
C SER A 99 4.56 10.52 1.78
N LEU A 100 3.46 10.11 1.16
CA LEU A 100 2.30 9.67 1.93
C LEU A 100 2.62 8.29 2.47
N PHE A 101 2.02 7.94 3.59
CA PHE A 101 2.20 6.59 4.10
C PHE A 101 1.66 5.63 3.02
N LEU A 102 2.29 4.47 2.93
CA LEU A 102 2.00 3.48 1.92
C LEU A 102 0.52 3.06 1.97
N ASN A 103 -0.08 3.04 3.15
CA ASN A 103 -1.51 2.69 3.24
C ASN A 103 -2.38 3.76 2.58
N ASP A 104 -2.02 5.03 2.73
CA ASP A 104 -2.76 6.08 2.01
C ASP A 104 -2.58 6.03 0.50
N GLN A 105 -1.36 5.72 0.02
CA GLN A 105 -1.11 5.54 -1.41
C GLN A 105 -2.01 4.45 -1.99
N VAL A 106 -2.15 3.34 -1.26
CA VAL A 106 -3.03 2.21 -1.66
C VAL A 106 -4.53 2.55 -1.72
N THR A 107 -5.02 3.29 -0.72
CA THR A 107 -6.39 3.82 -0.75
C THR A 107 -6.63 4.75 -1.95
N LEU A 108 -5.66 5.63 -2.24
CA LEU A 108 -5.79 6.55 -3.38
C LEU A 108 -5.85 5.82 -4.71
N LEU A 109 -5.02 4.81 -4.89
CA LEU A 109 -5.04 4.01 -6.13
C LEU A 109 -6.31 3.16 -6.18
N LYS A 110 -6.63 2.51 -5.06
CA LYS A 110 -7.86 1.69 -5.01
C LYS A 110 -9.05 2.46 -5.54
N TYR A 111 -9.32 3.64 -4.98
CA TYR A 111 -10.51 4.41 -5.36
C TYR A 111 -10.39 5.35 -6.56
N GLY A 112 -9.14 5.61 -6.99
CA GLY A 112 -8.90 6.47 -8.14
C GLY A 112 -8.53 5.85 -9.49
N VAL A 113 -7.97 4.63 -9.51
CA VAL A 113 -7.45 4.07 -10.77
C VAL A 113 -8.47 3.93 -11.87
N HIS A 114 -9.67 3.40 -11.53
CA HIS A 114 -10.74 3.32 -12.53
C HIS A 114 -11.34 4.64 -13.00
N GLU A 115 -11.49 5.64 -12.14
CA GLU A 115 -11.88 6.96 -12.62
C GLU A 115 -10.83 7.43 -13.65
N ALA A 116 -9.56 7.24 -13.32
CA ALA A 116 -8.49 7.71 -14.25
C ALA A 116 -8.55 6.89 -15.55
N ILE A 117 -8.79 5.58 -15.41
CA ILE A 117 -8.87 4.69 -16.55
C ILE A 117 -9.97 5.10 -17.53
N PHE A 118 -11.16 5.36 -16.99
CA PHE A 118 -12.29 5.69 -17.84
C PHE A 118 -12.20 7.08 -18.43
N ALA A 119 -11.55 8.02 -17.75
CA ALA A 119 -11.19 9.33 -18.37
C ALA A 119 -10.23 9.21 -19.58
N MET A 120 -9.18 8.39 -19.44
CA MET A 120 -8.18 8.15 -20.52
C MET A 120 -8.71 7.28 -21.66
N LEU A 121 -9.67 6.40 -21.34
CA LEU A 121 -10.43 5.67 -22.35
C LEU A 121 -10.94 6.57 -23.48
N ALA A 122 -11.47 7.74 -23.12
CA ALA A 122 -12.00 8.69 -24.09
C ALA A 122 -10.99 9.01 -25.19
N SER A 123 -9.70 9.05 -24.84
CA SER A 123 -8.61 9.30 -25.77
C SER A 123 -8.53 8.34 -26.95
N ILE A 124 -8.98 7.10 -26.74
CA ILE A 124 -8.83 6.04 -27.75
C ILE A 124 -10.18 5.60 -28.33
N VAL A 125 -11.21 6.37 -28.02
CA VAL A 125 -12.59 6.08 -28.40
C VAL A 125 -13.08 7.09 -29.45
N ASN A 126 -13.91 6.62 -30.37
CA ASN A 126 -14.85 7.49 -31.08
C ASN A 126 -16.24 6.83 -31.00
N LYS A 127 -17.27 7.48 -31.56
CA LYS A 127 -18.65 6.96 -31.54
C LYS A 127 -18.77 5.53 -32.08
N ASP A 128 -17.76 5.12 -32.87
CA ASP A 128 -17.74 3.84 -33.60
C ASP A 128 -17.04 2.68 -32.88
N GLY A 129 -16.21 2.98 -31.89
CA GLY A 129 -15.35 1.92 -31.32
C GLY A 129 -14.10 2.42 -30.66
N LEU A 130 -13.17 1.51 -30.38
CA LEU A 130 -11.98 1.90 -29.60
C LEU A 130 -10.71 1.23 -30.08
N LEU A 131 -9.60 1.96 -30.05
CA LEU A 131 -8.29 1.37 -30.33
C LEU A 131 -7.84 0.39 -29.26
N VAL A 132 -7.30 -0.75 -29.68
CA VAL A 132 -6.72 -1.73 -28.77
C VAL A 132 -5.26 -2.05 -29.16
N ALA A 133 -4.55 -2.70 -28.25
CA ALA A 133 -3.15 -3.11 -28.47
C ALA A 133 -2.26 -2.07 -29.14
N ASN A 134 -2.12 -0.92 -28.50
CA ASN A 134 -1.21 0.14 -28.96
C ASN A 134 -1.56 0.68 -30.34
N GLY A 135 -2.85 0.71 -30.65
CA GLY A 135 -3.34 1.16 -31.94
C GLY A 135 -3.35 0.13 -33.04
N SER A 136 -2.94 -1.11 -32.75
CA SER A 136 -2.92 -2.19 -33.77
C SER A 136 -4.31 -2.67 -34.19
N GLY A 137 -5.31 -2.41 -33.34
CA GLY A 137 -6.65 -2.97 -33.53
C GLY A 137 -7.70 -1.94 -33.20
N PHE A 138 -8.86 -2.07 -33.84
CA PHE A 138 -9.99 -1.22 -33.55
C PHE A 138 -11.20 -2.13 -33.31
N VAL A 139 -11.78 -2.05 -32.11
CA VAL A 139 -12.90 -2.91 -31.76
C VAL A 139 -14.15 -2.08 -31.86
N THR A 140 -15.10 -2.54 -32.67
CA THR A 140 -16.27 -1.74 -32.94
C THR A 140 -17.22 -1.75 -31.76
N ARG A 141 -17.96 -0.66 -31.59
CA ARG A 141 -18.94 -0.52 -30.52
C ARG A 141 -20.14 -1.42 -30.76
N GLU A 142 -20.53 -1.60 -32.02
CA GLU A 142 -21.62 -2.52 -32.34
C GLU A 142 -21.33 -3.95 -31.88
N PHE A 143 -20.12 -4.44 -32.14
CA PHE A 143 -19.73 -5.78 -31.67
C PHE A 143 -19.87 -5.90 -30.12
N LEU A 144 -19.35 -4.92 -29.39
CA LEU A 144 -19.42 -4.93 -27.94
C LEU A 144 -20.88 -4.88 -27.43
N ARG A 145 -21.76 -4.17 -28.14
CA ARG A 145 -23.21 -4.16 -27.84
C ARG A 145 -23.86 -5.53 -28.04
N SER A 146 -23.20 -6.36 -28.85
CA SER A 146 -23.70 -7.67 -29.23
C SER A 146 -23.38 -8.80 -28.25
N LEU A 147 -22.56 -8.53 -27.22
CA LEU A 147 -22.23 -9.55 -26.24
C LEU A 147 -23.40 -9.75 -25.26
N ARG A 148 -23.38 -10.86 -24.53
CA ARG A 148 -24.37 -11.19 -23.48
C ARG A 148 -24.62 -10.05 -22.50
N LYS A 149 -25.86 -9.98 -22.00
CA LYS A 149 -26.36 -8.83 -21.24
C LYS A 149 -25.43 -8.21 -20.19
N PRO A 150 -24.87 -9.04 -19.27
CA PRO A 150 -24.11 -8.33 -18.23
C PRO A 150 -22.95 -7.55 -18.83
N PHE A 151 -22.30 -8.13 -19.84
CA PHE A 151 -21.05 -7.61 -20.41
C PHE A 151 -21.29 -6.38 -21.28
N SER A 152 -22.22 -6.49 -22.22
CA SER A 152 -22.64 -5.35 -23.03
C SER A 152 -23.02 -4.16 -22.13
N ASP A 153 -23.69 -4.46 -21.01
CA ASP A 153 -24.13 -3.43 -20.10
C ASP A 153 -23.00 -2.75 -19.30
N ILE A 154 -21.86 -3.41 -19.11
CA ILE A 154 -20.73 -2.74 -18.42
C ILE A 154 -19.97 -1.80 -19.36
N ILE A 155 -19.89 -2.19 -20.63
CA ILE A 155 -19.04 -1.49 -21.60
C ILE A 155 -19.69 -0.23 -22.13
N GLU A 156 -20.98 -0.30 -22.45
CA GLU A 156 -21.70 0.81 -23.10
C GLU A 156 -21.70 2.17 -22.37
N PRO A 157 -21.97 2.19 -21.04
CA PRO A 157 -21.89 3.49 -20.34
C PRO A 157 -20.51 4.19 -20.42
N LYS A 158 -19.43 3.42 -20.58
CA LYS A 158 -18.07 4.02 -20.71
C LYS A 158 -17.94 4.77 -22.01
N PHE A 159 -18.46 4.16 -23.07
CA PHE A 159 -18.64 4.85 -24.37
C PHE A 159 -19.45 6.14 -24.28
N GLU A 160 -20.61 6.08 -23.63
CA GLU A 160 -21.46 7.26 -23.44
C GLU A 160 -20.69 8.37 -22.72
N PHE A 161 -19.99 8.02 -21.64
CA PHE A 161 -19.14 8.99 -20.95
C PHE A 161 -18.07 9.57 -21.91
N ALA A 162 -17.37 8.70 -22.63
CA ALA A 162 -16.17 9.09 -23.39
C ALA A 162 -16.48 10.06 -24.52
N VAL A 163 -17.56 9.81 -25.26
CA VAL A 163 -17.96 10.68 -26.37
C VAL A 163 -18.36 12.08 -25.91
N LYS A 164 -19.05 12.17 -24.76
CA LYS A 164 -19.33 13.47 -24.15
C LYS A 164 -18.02 14.13 -23.71
N PHE A 165 -17.16 13.36 -23.04
CA PHE A 165 -15.91 13.86 -22.53
C PHE A 165 -15.07 14.44 -23.65
N ASN A 166 -15.05 13.77 -24.80
CA ASN A 166 -14.27 14.22 -25.96
C ASN A 166 -14.69 15.57 -26.53
N ALA A 167 -15.92 15.99 -26.23
CA ALA A 167 -16.44 17.29 -26.70
C ALA A 167 -15.76 18.47 -25.98
N LEU A 168 -15.09 18.19 -24.84
CA LEU A 168 -14.30 19.21 -24.13
C LEU A 168 -12.95 19.47 -24.81
N GLU A 169 -12.53 18.57 -25.69
CA GLU A 169 -11.36 18.76 -26.55
C GLU A 169 -10.04 18.97 -25.79
N LEU A 170 -9.86 18.19 -24.72
CA LEU A 170 -8.63 18.24 -23.91
C LEU A 170 -7.46 17.67 -24.67
N ASP A 171 -6.26 18.09 -24.34
CA ASP A 171 -5.10 17.44 -24.93
C ASP A 171 -4.34 16.69 -23.84
N ASP A 172 -3.16 16.16 -24.17
CA ASP A 172 -2.52 15.23 -23.26
C ASP A 172 -2.00 15.98 -22.06
N SER A 173 -1.64 17.25 -22.26
CA SER A 173 -1.13 18.08 -21.20
C SER A 173 -2.24 18.41 -20.20
N ASP A 174 -3.45 18.57 -20.71
CA ASP A 174 -4.63 18.78 -19.85
C ASP A 174 -4.99 17.53 -19.06
N LEU A 175 -4.96 16.41 -19.76
CA LEU A 175 -5.34 15.10 -19.18
C LEU A 175 -4.42 14.63 -18.09
N ALA A 176 -3.13 14.96 -18.24
CA ALA A 176 -2.13 14.66 -17.22
C ALA A 176 -2.43 15.28 -15.84
N LEU A 177 -2.79 16.56 -15.81
CA LEU A 177 -3.15 17.19 -14.57
C LEU A 177 -4.51 16.67 -14.07
N PHE A 178 -5.39 16.39 -15.02
CA PHE A 178 -6.76 15.87 -14.68
C PHE A 178 -6.66 14.55 -13.91
N ILE A 179 -5.92 13.59 -14.47
CA ILE A 179 -5.69 12.28 -13.86
C ILE A 179 -4.97 12.39 -12.52
N ALA A 180 -3.96 13.28 -12.43
CA ALA A 180 -3.31 13.56 -11.15
C ALA A 180 -4.30 14.02 -10.08
N ALA A 181 -5.19 14.95 -10.47
CA ALA A 181 -6.21 15.50 -9.58
C ALA A 181 -7.13 14.38 -9.15
N ILE A 182 -7.49 13.50 -10.08
CA ILE A 182 -8.35 12.34 -9.76
C ILE A 182 -7.76 11.42 -8.67
N ILE A 183 -6.48 11.10 -8.79
CA ILE A 183 -5.78 10.19 -7.87
C ILE A 183 -5.62 10.82 -6.48
N LEU A 184 -5.41 12.12 -6.42
CA LEU A 184 -5.24 12.79 -5.14
C LEU A 184 -6.53 13.31 -4.53
N CYS A 185 -7.57 12.51 -4.64
CA CYS A 185 -8.84 12.85 -4.05
C CYS A 185 -8.87 12.64 -2.53
N GLY A 186 -9.04 13.72 -1.77
CA GLY A 186 -8.98 13.68 -0.31
C GLY A 186 -10.19 13.03 0.38
N ASP A 187 -11.24 12.77 -0.37
CA ASP A 187 -12.46 12.22 0.22
C ASP A 187 -12.68 10.72 0.04
N ARG A 188 -11.62 9.98 -0.32
CA ARG A 188 -11.74 8.53 -0.49
C ARG A 188 -12.00 7.87 0.86
N PRO A 189 -12.87 6.85 0.89
CA PRO A 189 -13.21 6.20 2.16
C PRO A 189 -11.97 5.60 2.83
N GLY A 190 -11.85 5.86 4.13
CA GLY A 190 -10.79 5.26 4.93
C GLY A 190 -9.41 5.90 4.80
N LEU A 191 -9.36 7.09 4.21
CA LEU A 191 -8.10 7.82 4.10
C LEU A 191 -7.61 8.29 5.48
N MET A 192 -6.32 8.10 5.73
CA MET A 192 -5.72 8.45 7.02
C MET A 192 -5.39 9.94 7.16
N ASN A 193 -4.55 10.48 6.29
CA ASN A 193 -4.18 11.88 6.37
C ASN A 193 -4.96 12.69 5.35
N VAL A 194 -6.23 12.96 5.66
CA VAL A 194 -7.11 13.69 4.77
C VAL A 194 -6.61 15.10 4.42
N PRO A 195 -6.25 15.91 5.42
CA PRO A 195 -5.80 17.29 5.17
C PRO A 195 -4.59 17.41 4.24
N ARG A 196 -3.72 16.42 4.27
CA ARG A 196 -2.51 16.46 3.46
C ARG A 196 -2.77 16.08 2.00
N VAL A 197 -3.62 15.07 1.80
CA VAL A 197 -4.06 14.70 0.46
C VAL A 197 -4.83 15.88 -0.17
N GLU A 198 -5.69 16.51 0.60
CA GLU A 198 -6.40 17.70 0.11
C GLU A 198 -5.47 18.84 -0.28
N ALA A 199 -4.42 19.04 0.50
CA ALA A 199 -3.43 20.06 0.19
C ALA A 199 -2.70 19.77 -1.12
N ILE A 200 -2.36 18.50 -1.37
CA ILE A 200 -1.63 18.16 -2.60
C ILE A 200 -2.56 18.28 -3.80
N GLN A 201 -3.83 17.88 -3.64
CA GLN A 201 -4.79 18.03 -4.71
C GLN A 201 -4.99 19.52 -5.11
N ASP A 202 -5.07 20.38 -4.11
CA ASP A 202 -5.31 21.80 -4.34
C ASP A 202 -4.18 22.38 -5.20
N THR A 203 -2.95 21.94 -4.92
CA THR A 203 -1.80 22.35 -5.74
C THR A 203 -1.98 21.90 -7.19
N ILE A 204 -2.49 20.67 -7.39
CA ILE A 204 -2.67 20.17 -8.74
C ILE A 204 -3.76 20.97 -9.47
N LEU A 205 -4.86 21.25 -8.76
CA LEU A 205 -5.99 21.94 -9.34
C LEU A 205 -5.69 23.40 -9.68
N ARG A 206 -4.92 24.05 -8.83
CA ARG A 206 -4.44 25.40 -9.13
C ARG A 206 -3.64 25.38 -10.43
N ALA A 207 -2.73 24.43 -10.55
CA ALA A 207 -1.95 24.21 -11.77
C ALA A 207 -2.86 23.96 -12.97
N LEU A 208 -3.86 23.10 -12.75
CA LEU A 208 -4.78 22.76 -13.81
C LEU A 208 -5.56 24.00 -14.28
N GLU A 209 -6.03 24.78 -13.32
CA GLU A 209 -6.77 26.00 -13.64
C GLU A 209 -5.89 26.94 -14.45
N PHE A 210 -4.67 27.11 -13.99
CA PHE A 210 -3.71 27.92 -14.73
C PHE A 210 -3.50 27.38 -16.12
N HIS A 211 -3.32 26.06 -16.24
CA HIS A 211 -3.03 25.42 -17.54
C HIS A 211 -4.17 25.55 -18.55
N LEU A 212 -5.42 25.35 -18.12
CA LEU A 212 -6.58 25.51 -19.00
C LEU A 212 -6.73 26.93 -19.59
N GLN A 213 -6.45 27.94 -18.77
CA GLN A 213 -6.48 29.35 -19.21
C GLN A 213 -5.40 29.70 -20.25
N ALA A 214 -4.20 29.18 -20.05
CA ALA A 214 -3.13 29.29 -21.04
C ALA A 214 -3.44 28.49 -22.33
N ASN A 215 -3.77 27.21 -22.16
CA ASN A 215 -3.94 26.24 -23.23
C ASN A 215 -5.26 26.41 -24.01
N HIS A 216 -6.32 26.79 -23.29
CA HIS A 216 -7.67 26.92 -23.86
C HIS A 216 -8.24 28.30 -23.47
N PRO A 217 -7.68 29.40 -24.03
CA PRO A 217 -8.05 30.73 -23.57
C PRO A 217 -9.53 31.03 -23.83
N ASP A 218 -10.05 30.52 -24.95
CA ASP A 218 -11.42 30.75 -25.38
C ASP A 218 -12.44 29.90 -24.62
N ALA A 219 -11.98 28.82 -23.99
CA ALA A 219 -12.88 27.90 -23.32
C ALA A 219 -13.13 28.36 -21.88
N GLN A 220 -13.95 29.38 -21.78
CA GLN A 220 -14.46 29.79 -20.49
C GLN A 220 -15.28 28.62 -19.93
N GLN A 221 -15.29 28.50 -18.61
CA GLN A 221 -16.07 27.48 -17.89
C GLN A 221 -15.53 26.05 -18.04
N LEU A 222 -14.38 25.88 -18.67
CA LEU A 222 -13.77 24.56 -18.82
C LEU A 222 -13.41 23.93 -17.46
N PHE A 223 -12.83 24.73 -16.57
CA PHE A 223 -12.40 24.24 -15.26
C PHE A 223 -13.55 23.73 -14.35
N PRO A 224 -14.63 24.53 -14.18
CA PRO A 224 -15.83 23.98 -13.52
C PRO A 224 -16.38 22.75 -14.23
N LYS A 225 -16.37 22.73 -15.56
CA LYS A 225 -16.81 21.56 -16.33
C LYS A 225 -16.03 20.31 -15.95
N LEU A 226 -14.71 20.46 -15.87
CA LEU A 226 -13.80 19.38 -15.42
C LEU A 226 -14.01 18.90 -14.00
N LEU A 227 -14.20 19.85 -13.07
CA LEU A 227 -14.55 19.49 -11.70
C LEU A 227 -15.82 18.62 -11.66
N GLN A 228 -16.82 18.96 -12.48
CA GLN A 228 -18.06 18.18 -12.59
C GLN A 228 -17.86 16.81 -13.25
N LYS A 229 -16.93 16.73 -14.22
CA LYS A 229 -16.55 15.43 -14.82
C LYS A 229 -15.95 14.45 -13.80
N MET A 230 -15.22 14.98 -12.81
CA MET A 230 -14.63 14.15 -11.74
C MET A 230 -15.75 13.52 -10.88
N ALA A 231 -16.77 14.29 -10.57
CA ALA A 231 -17.93 13.74 -9.83
C ALA A 231 -18.73 12.78 -10.73
N ASP A 232 -18.82 13.09 -12.02
CA ASP A 232 -19.39 12.17 -12.99
C ASP A 232 -18.68 10.83 -13.02
N LEU A 233 -17.35 10.87 -12.97
CA LEU A 233 -16.52 9.65 -13.00
C LEU A 233 -16.67 8.84 -11.69
N ARG A 234 -16.73 9.52 -10.57
CA ARG A 234 -16.97 8.85 -9.30
C ARG A 234 -18.27 8.04 -9.38
N GLN A 235 -19.31 8.62 -9.96
CA GLN A 235 -20.59 7.88 -10.16
C GLN A 235 -20.48 6.77 -11.23
N LEU A 236 -19.76 7.04 -12.32
CA LEU A 236 -19.49 6.00 -13.35
C LEU A 236 -18.89 4.76 -12.70
N VAL A 237 -17.94 5.01 -11.79
CA VAL A 237 -17.18 3.92 -11.19
C VAL A 237 -17.99 3.20 -10.09
N THR A 238 -18.71 3.98 -9.29
CA THR A 238 -19.63 3.42 -8.29
C THR A 238 -20.52 2.40 -8.99
N GLU A 239 -21.15 2.83 -10.09
CA GLU A 239 -22.00 1.96 -10.88
C GLU A 239 -21.28 0.77 -11.53
N HIS A 240 -20.05 0.99 -12.00
CA HIS A 240 -19.22 -0.10 -12.53
C HIS A 240 -18.90 -1.15 -11.48
N ALA A 241 -18.46 -0.71 -10.29
CA ALA A 241 -18.15 -1.57 -9.15
C ALA A 241 -19.37 -2.45 -8.79
N GLN A 242 -20.53 -1.82 -8.71
CA GLN A 242 -21.81 -2.56 -8.42
C GLN A 242 -22.00 -3.69 -9.43
N MET A 243 -21.77 -3.41 -10.72
CA MET A 243 -21.88 -4.44 -11.77
C MET A 243 -20.80 -5.52 -11.71
N MET A 244 -19.57 -5.11 -11.39
CA MET A 244 -18.47 -6.06 -11.24
C MET A 244 -18.70 -6.97 -10.03
N GLN A 245 -19.10 -6.37 -8.91
CA GLN A 245 -19.43 -7.13 -7.69
C GLN A 245 -20.52 -8.18 -7.91
N ARG A 246 -21.43 -7.90 -8.83
CA ARG A 246 -22.56 -8.76 -9.17
C ARG A 246 -22.16 -9.90 -10.12
N ILE A 247 -21.25 -9.62 -11.05
CA ILE A 247 -20.73 -10.65 -11.95
C ILE A 247 -20.02 -11.73 -11.12
N LYS A 248 -19.34 -11.28 -10.06
CA LYS A 248 -18.68 -12.18 -9.12
C LYS A 248 -19.66 -13.18 -8.48
N LYS A 249 -20.86 -12.71 -8.15
CA LYS A 249 -21.86 -13.60 -7.53
C LYS A 249 -22.59 -14.48 -8.55
N THR A 250 -23.21 -13.85 -9.56
CA THR A 250 -24.08 -14.55 -10.52
C THR A 250 -23.34 -15.36 -11.59
N GLU A 251 -22.24 -14.82 -12.11
CA GLU A 251 -21.48 -15.46 -13.18
C GLU A 251 -20.30 -16.21 -12.59
N THR A 252 -20.59 -17.22 -11.78
CA THR A 252 -19.54 -17.88 -10.98
C THR A 252 -18.41 -18.58 -11.79
N GLU A 253 -18.72 -18.96 -13.02
CA GLU A 253 -17.76 -19.60 -13.91
C GLU A 253 -16.72 -18.65 -14.49
N THR A 254 -16.99 -17.34 -14.43
CA THR A 254 -16.10 -16.36 -15.07
C THR A 254 -15.18 -15.72 -14.03
N SER A 255 -13.88 -15.83 -14.25
CA SER A 255 -12.91 -15.41 -13.27
C SER A 255 -12.70 -13.89 -13.25
N LEU A 256 -12.24 -13.38 -12.11
CA LEU A 256 -11.88 -11.97 -11.95
C LEU A 256 -10.41 -11.92 -11.58
N HIS A 257 -9.61 -11.13 -12.29
CA HIS A 257 -8.19 -10.97 -11.96
C HIS A 257 -8.01 -10.67 -10.46
N PRO A 258 -7.00 -11.28 -9.78
CA PRO A 258 -6.92 -11.05 -8.33
C PRO A 258 -6.69 -9.60 -7.92
N LEU A 259 -6.14 -8.76 -8.79
CA LEU A 259 -5.97 -7.37 -8.38
C LEU A 259 -7.27 -6.58 -8.45
N LEU A 260 -8.07 -6.86 -9.48
CA LEU A 260 -9.40 -6.28 -9.63
C LEU A 260 -10.31 -6.73 -8.48
N GLN A 261 -10.23 -8.00 -8.11
CA GLN A 261 -10.94 -8.50 -6.91
C GLN A 261 -10.53 -7.70 -5.67
N GLU A 262 -9.24 -7.37 -5.53
CA GLU A 262 -8.80 -6.53 -4.40
C GLU A 262 -9.35 -5.10 -4.52
N ILE A 263 -9.34 -4.58 -5.75
CA ILE A 263 -9.85 -3.23 -5.97
C ILE A 263 -11.35 -3.13 -5.64
N TYR A 264 -12.15 -4.09 -6.07
CA TYR A 264 -13.61 -4.05 -5.85
C TYR A 264 -14.03 -4.54 -4.44
N LYS A 265 -13.11 -5.20 -3.75
CA LYS A 265 -13.38 -5.65 -2.38
C LYS A 265 -13.78 -4.49 -1.46
N ASP A 266 -15.02 -4.53 -0.98
CA ASP A 266 -15.52 -3.53 -0.04
C ASP A 266 -15.58 -2.12 -0.64
N MET A 267 -15.68 -2.01 -1.97
CA MET A 267 -15.62 -0.68 -2.59
C MET A 267 -16.87 0.20 -2.38
N TYR A 268 -17.84 0.12 -3.29
CA TYR A 268 -19.02 1.04 -3.31
C TYR A 268 -18.66 2.54 -3.41
N ASP B 1 23.29 -18.47 -2.57
CA ASP B 1 24.28 -18.37 -1.46
C ASP B 1 23.63 -17.86 -0.17
N LEU B 2 23.39 -18.78 0.75
CA LEU B 2 22.63 -18.52 1.96
C LEU B 2 23.40 -17.58 2.90
N LYS B 3 24.73 -17.66 2.86
CA LYS B 3 25.59 -16.80 3.69
C LYS B 3 25.53 -15.34 3.22
N ALA B 4 25.50 -15.15 1.90
CA ALA B 4 25.44 -13.83 1.29
C ALA B 4 24.06 -13.17 1.52
N PHE B 5 23.02 -14.00 1.38
CA PHE B 5 21.67 -13.57 1.66
C PHE B 5 21.56 -13.11 3.12
N SER B 6 22.05 -13.93 4.04
CA SER B 6 22.10 -13.60 5.44
C SER B 6 22.78 -12.28 5.77
N LYS B 7 23.91 -12.00 5.10
CA LYS B 7 24.69 -10.81 5.38
C LYS B 7 24.00 -9.55 4.87
N HIS B 8 23.39 -9.62 3.70
CA HIS B 8 22.62 -8.49 3.17
C HIS B 8 21.39 -8.15 4.07
N ILE B 9 20.64 -9.15 4.52
CA ILE B 9 19.54 -8.91 5.49
C ILE B 9 20.07 -8.23 6.75
N TYR B 10 21.16 -8.77 7.31
CA TYR B 10 21.81 -8.19 8.48
C TYR B 10 22.21 -6.71 8.30
N ASN B 11 22.80 -6.37 7.16
CA ASN B 11 23.21 -5.00 6.87
C ASN B 11 22.01 -4.10 6.66
N ALA B 12 20.91 -4.67 6.14
CA ALA B 12 19.64 -3.93 6.02
C ALA B 12 19.09 -3.60 7.41
N TYR B 13 19.23 -4.54 8.33
CA TYR B 13 18.86 -4.33 9.71
C TYR B 13 19.73 -3.26 10.40
N LEU B 14 21.05 -3.37 10.26
CA LEU B 14 21.96 -2.36 10.84
C LEU B 14 21.65 -0.97 10.30
N LYS B 15 21.34 -0.90 9.01
CA LYS B 15 21.03 0.39 8.39
C LYS B 15 19.80 1.08 8.99
N ASN B 16 18.76 0.27 9.28
CA ASN B 16 17.44 0.81 9.61
C ASN B 16 17.08 0.90 11.09
N PHE B 17 17.79 0.15 11.94
CA PHE B 17 17.62 0.20 13.38
C PHE B 17 18.91 0.69 14.12
N ASN B 18 18.84 1.87 14.73
CA ASN B 18 19.99 2.50 15.43
C ASN B 18 20.40 1.72 16.67
N MET B 19 19.41 1.37 17.50
CA MET B 19 19.68 0.60 18.70
C MET B 19 19.68 -0.88 18.34
N THR B 20 20.82 -1.52 18.54
CA THR B 20 20.96 -2.96 18.28
C THR B 20 21.03 -3.70 19.61
N LYS B 21 20.89 -5.01 19.59
CA LYS B 21 21.04 -5.81 20.78
C LYS B 21 22.47 -5.67 21.32
N LYS B 22 23.43 -5.55 20.41
CA LYS B 22 24.83 -5.36 20.82
C LYS B 22 24.99 -4.07 21.64
N LYS B 23 24.47 -2.96 21.13
CA LYS B 23 24.58 -1.68 21.85
C LYS B 23 23.77 -1.71 23.13
N ALA B 24 22.53 -2.18 23.05
CA ALA B 24 21.68 -2.32 24.24
C ALA B 24 22.35 -3.13 25.33
N ARG B 25 22.83 -4.33 25.00
CA ARG B 25 23.47 -5.20 25.99
C ARG B 25 24.70 -4.55 26.65
N SER B 26 25.49 -3.80 25.87
CA SER B 26 26.67 -3.15 26.44
C SER B 26 26.26 -2.04 27.43
N ILE B 27 25.19 -1.32 27.12
CA ILE B 27 24.63 -0.32 28.05
C ILE B 27 24.02 -0.98 29.28
N LEU B 28 23.29 -2.06 29.11
CA LEU B 28 22.64 -2.75 30.24
C LEU B 28 23.60 -3.36 31.30
N THR B 29 24.92 -3.14 31.13
CA THR B 29 25.92 -3.58 32.12
C THR B 29 26.93 -2.48 32.51
N ALA B 36 24.82 4.46 33.33
CA ALA B 36 24.80 5.70 32.54
C ALA B 36 23.41 6.20 32.07
N PRO B 37 22.46 5.28 31.76
CA PRO B 37 21.13 5.81 31.40
C PRO B 37 20.41 6.39 32.60
N PHE B 38 19.62 7.44 32.39
CA PHE B 38 18.83 8.03 33.46
C PHE B 38 17.66 7.12 33.83
N VAL B 39 17.49 6.83 35.12
CA VAL B 39 16.43 5.91 35.52
C VAL B 39 15.06 6.59 35.75
N ILE B 40 14.03 6.09 35.06
CA ILE B 40 12.66 6.60 35.19
C ILE B 40 11.81 5.59 35.95
N HIS B 41 11.27 5.99 37.09
CA HIS B 41 10.55 5.04 37.94
C HIS B 41 9.33 5.62 38.68
N ASP B 42 9.01 6.88 38.38
CA ASP B 42 7.91 7.58 39.04
C ASP B 42 7.62 8.85 38.25
N ILE B 43 6.58 9.57 38.66
CA ILE B 43 6.19 10.82 38.00
C ILE B 43 7.36 11.80 37.90
N GLU B 44 8.06 11.98 39.01
CA GLU B 44 9.09 12.99 39.11
C GLU B 44 10.21 12.75 38.09
N THR B 45 10.75 11.53 38.09
CA THR B 45 11.83 11.17 37.16
C THR B 45 11.40 11.26 35.69
N LEU B 46 10.12 10.97 35.41
CA LEU B 46 9.58 11.10 34.05
C LEU B 46 9.62 12.56 33.64
N TRP B 47 9.15 13.42 34.54
CA TRP B 47 9.17 14.86 34.31
C TRP B 47 10.59 15.36 34.01
N GLN B 48 11.54 14.94 34.84
CA GLN B 48 12.94 15.21 34.62
C GLN B 48 13.43 14.70 33.26
N ALA B 49 13.09 13.45 32.95
CA ALA B 49 13.49 12.82 31.70
C ALA B 49 13.00 13.62 30.51
N GLU B 50 11.76 14.10 30.60
CA GLU B 50 11.16 14.92 29.54
C GLU B 50 11.78 16.30 29.50
N LYS B 51 12.52 16.67 30.54
CA LYS B 51 13.06 18.03 30.69
C LYS B 51 14.31 18.24 29.83
N GLY B 52 14.75 17.18 29.17
CA GLY B 52 15.88 17.27 28.26
C GLY B 52 16.87 16.16 28.49
N LEU B 53 16.89 15.65 29.72
CA LEU B 53 17.76 14.55 30.14
C LEU B 53 17.65 13.31 29.26
N VAL B 54 16.41 12.93 28.91
CA VAL B 54 16.20 11.72 28.11
C VAL B 54 15.59 12.09 26.76
N TRP B 55 14.58 12.96 26.77
CA TRP B 55 13.96 13.40 25.52
C TRP B 55 14.27 14.86 25.21
N GLU B 67 -3.25 12.25 33.10
CA GLU B 67 -2.71 11.40 34.16
C GLU B 67 -1.46 10.64 33.71
N ILE B 68 -0.68 10.15 34.67
CA ILE B 68 0.57 9.41 34.41
C ILE B 68 0.42 8.20 33.45
N SER B 69 -0.61 7.37 33.66
CA SER B 69 -0.79 6.16 32.85
C SER B 69 -0.99 6.46 31.35
N VAL B 70 -1.76 7.50 31.07
CA VAL B 70 -2.09 7.89 29.70
C VAL B 70 -0.87 8.53 29.07
N HIS B 71 -0.17 9.35 29.83
CA HIS B 71 1.06 9.95 29.32
C HIS B 71 2.11 8.90 28.88
N VAL B 72 2.35 7.90 29.72
CA VAL B 72 3.18 6.75 29.40
C VAL B 72 2.67 5.99 28.17
N PHE B 73 1.36 5.79 28.08
CA PHE B 73 0.76 5.17 26.89
C PHE B 73 1.11 5.98 25.62
N TYR B 74 1.10 7.32 25.73
CA TYR B 74 1.37 8.18 24.57
C TYR B 74 2.85 8.09 24.15
N ARG B 75 3.72 7.98 25.15
CA ARG B 75 5.15 7.73 24.90
C ARG B 75 5.37 6.39 24.20
N CYS B 76 4.62 5.37 24.63
CA CYS B 76 4.64 4.05 23.99
C CYS B 76 4.23 4.14 22.52
N GLN B 77 3.12 4.85 22.23
CA GLN B 77 2.66 5.02 20.85
C GLN B 77 3.70 5.73 19.97
N CYS B 78 4.37 6.72 20.53
CA CYS B 78 5.35 7.48 19.79
C CYS B 78 6.56 6.59 19.37
N THR B 79 7.01 5.76 20.29
CA THR B 79 8.08 4.80 20.04
C THR B 79 7.68 3.73 19.05
N THR B 80 6.49 3.13 19.19
CA THR B 80 6.12 2.06 18.28
C THR B 80 5.89 2.56 16.87
N VAL B 81 5.29 3.73 16.73
CA VAL B 81 5.10 4.33 15.38
C VAL B 81 6.46 4.67 14.69
N GLU B 82 7.45 5.05 15.48
CA GLU B 82 8.80 5.24 14.92
C GLU B 82 9.39 3.88 14.47
N THR B 83 9.18 2.83 15.28
CA THR B 83 9.63 1.50 14.90
C THR B 83 8.91 0.95 13.67
N VAL B 84 7.60 1.21 13.53
CA VAL B 84 6.88 0.92 12.29
C VAL B 84 7.52 1.58 11.06
N ARG B 85 7.88 2.86 11.18
CA ARG B 85 8.62 3.54 10.12
C ARG B 85 9.91 2.83 9.75
N GLU B 86 10.73 2.46 10.74
CA GLU B 86 11.99 1.76 10.43
C GLU B 86 11.72 0.41 9.80
N LEU B 87 10.70 -0.31 10.28
CA LEU B 87 10.38 -1.62 9.72
C LEU B 87 9.92 -1.50 8.28
N THR B 88 9.20 -0.44 7.97
CA THR B 88 8.72 -0.20 6.59
C THR B 88 9.94 -0.01 5.63
N GLU B 89 10.90 0.78 6.06
CA GLU B 89 12.15 0.99 5.27
C GLU B 89 12.98 -0.27 5.18
N PHE B 90 13.09 -1.02 6.28
CA PHE B 90 13.79 -2.32 6.32
C PHE B 90 13.22 -3.32 5.32
N ALA B 91 11.88 -3.42 5.27
CA ALA B 91 11.21 -4.37 4.40
C ALA B 91 11.59 -4.15 2.92
N LYS B 92 11.69 -2.91 2.51
CA LYS B 92 12.20 -2.60 1.17
C LYS B 92 13.53 -3.30 0.83
N SER B 93 14.33 -3.69 1.83
CA SER B 93 15.61 -4.35 1.53
C SER B 93 15.58 -5.88 1.55
N ILE B 94 14.44 -6.47 1.91
CA ILE B 94 14.26 -7.93 1.88
C ILE B 94 14.07 -8.25 0.40
N PRO B 95 14.93 -9.10 -0.19
CA PRO B 95 14.74 -9.48 -1.61
C PRO B 95 13.31 -9.88 -1.95
N SER B 96 12.81 -9.23 -2.99
CA SER B 96 11.50 -9.47 -3.56
C SER B 96 10.31 -8.82 -2.86
N PHE B 97 10.50 -8.26 -1.66
CA PHE B 97 9.41 -7.50 -1.00
C PHE B 97 8.85 -6.36 -1.88
N SER B 98 9.76 -5.53 -2.42
CA SER B 98 9.42 -4.36 -3.25
C SER B 98 8.76 -4.71 -4.56
N SER B 99 8.96 -5.95 -5.03
CA SER B 99 8.33 -6.38 -6.26
C SER B 99 6.91 -6.87 -6.02
N LEU B 100 6.46 -6.92 -4.75
CA LEU B 100 5.06 -7.30 -4.50
C LEU B 100 4.18 -6.11 -4.82
N PHE B 101 2.93 -6.35 -5.17
CA PHE B 101 2.01 -5.23 -5.39
C PHE B 101 1.94 -4.45 -4.08
N LEU B 102 1.70 -3.14 -4.19
CA LEU B 102 1.71 -2.26 -3.05
C LEU B 102 0.68 -2.68 -2.00
N ASN B 103 -0.47 -3.15 -2.44
CA ASN B 103 -1.51 -3.62 -1.49
C ASN B 103 -1.04 -4.83 -0.70
N ASP B 104 -0.24 -5.73 -1.33
CA ASP B 104 0.36 -6.85 -0.59
C ASP B 104 1.43 -6.40 0.41
N GLN B 105 2.28 -5.42 0.05
CA GLN B 105 3.23 -4.85 1.00
C GLN B 105 2.54 -4.29 2.23
N VAL B 106 1.45 -3.55 2.01
CA VAL B 106 0.66 -2.96 3.11
C VAL B 106 0.03 -3.99 4.08
N THR B 107 -0.50 -5.06 3.52
CA THR B 107 -1.07 -6.18 4.32
C THR B 107 0.05 -6.82 5.14
N LEU B 108 1.19 -7.09 4.50
CA LEU B 108 2.34 -7.67 5.20
C LEU B 108 2.80 -6.79 6.35
N LEU B 109 2.87 -5.49 6.13
CA LEU B 109 3.25 -4.57 7.22
C LEU B 109 2.13 -4.51 8.30
N LYS B 110 0.91 -4.36 7.86
CA LYS B 110 -0.21 -4.28 8.82
C LYS B 110 -0.08 -5.38 9.87
N TYR B 111 0.04 -6.62 9.42
CA TYR B 111 -0.03 -7.79 10.28
C TYR B 111 1.29 -8.26 10.92
N GLY B 112 2.44 -7.79 10.40
CA GLY B 112 3.71 -8.24 10.90
C GLY B 112 4.52 -7.27 11.74
N VAL B 113 4.20 -6.00 11.63
CA VAL B 113 5.03 -4.96 12.20
C VAL B 113 5.06 -5.01 13.73
N HIS B 114 3.90 -5.26 14.39
CA HIS B 114 3.92 -5.50 15.83
C HIS B 114 4.55 -6.81 16.29
N GLU B 115 4.43 -7.89 15.52
CA GLU B 115 5.17 -9.11 15.87
C GLU B 115 6.68 -8.77 15.86
N ALA B 116 7.08 -8.01 14.86
CA ALA B 116 8.53 -7.65 14.74
C ALA B 116 8.93 -6.73 15.90
N ILE B 117 8.06 -5.78 16.23
CA ILE B 117 8.34 -4.82 17.29
C ILE B 117 8.55 -5.53 18.62
N PHE B 118 7.69 -6.50 18.91
CA PHE B 118 7.72 -7.16 20.23
C PHE B 118 8.89 -8.16 20.30
N ALA B 119 9.24 -8.81 19.20
CA ALA B 119 10.50 -9.58 19.11
C ALA B 119 11.76 -8.74 19.40
N MET B 120 11.82 -7.56 18.80
CA MET B 120 13.00 -6.63 18.94
C MET B 120 13.00 -5.89 20.28
N LEU B 121 11.81 -5.72 20.86
CA LEU B 121 11.70 -5.26 22.24
C LEU B 121 12.64 -6.01 23.20
N ALA B 122 12.76 -7.32 23.02
CA ALA B 122 13.54 -8.17 23.92
C ALA B 122 15.00 -7.74 23.98
N SER B 123 15.50 -7.20 22.86
CA SER B 123 16.88 -6.72 22.77
C SER B 123 17.19 -5.61 23.76
N ILE B 124 16.14 -4.86 24.19
CA ILE B 124 16.33 -3.66 25.03
C ILE B 124 15.73 -3.80 26.43
N VAL B 125 15.35 -5.03 26.76
CA VAL B 125 14.72 -5.39 28.02
C VAL B 125 15.65 -6.25 28.89
N ASN B 126 15.54 -6.11 30.22
CA ASN B 126 15.88 -7.17 31.17
C ASN B 126 14.71 -7.32 32.17
N LYS B 127 14.80 -8.26 33.11
CA LYS B 127 13.75 -8.51 34.10
C LYS B 127 13.29 -7.23 34.83
N ASP B 128 14.16 -6.22 34.87
CA ASP B 128 13.96 -5.01 35.69
C ASP B 128 13.41 -3.79 34.93
N GLY B 129 13.31 -3.87 33.60
CA GLY B 129 12.91 -2.71 32.82
C GLY B 129 13.48 -2.63 31.42
N LEU B 130 13.38 -1.46 30.81
CA LEU B 130 13.72 -1.32 29.40
C LEU B 130 14.35 0.02 29.02
N LEU B 131 15.28 -0.03 28.08
CA LEU B 131 15.94 1.18 27.56
C LEU B 131 15.05 2.00 26.66
N VAL B 132 15.09 3.31 26.82
CA VAL B 132 14.30 4.21 25.99
C VAL B 132 15.19 5.32 25.39
N ALA B 133 14.61 6.05 24.43
CA ALA B 133 15.29 7.15 23.75
C ALA B 133 16.74 6.82 23.39
N ASN B 134 16.91 5.78 22.59
CA ASN B 134 18.23 5.39 22.07
C ASN B 134 19.26 5.09 23.17
N GLY B 135 18.79 4.49 24.26
CA GLY B 135 19.66 4.08 25.35
C GLY B 135 19.86 5.11 26.45
N SER B 136 19.35 6.32 26.26
CA SER B 136 19.51 7.41 27.25
C SER B 136 18.76 7.27 28.58
N GLY B 137 17.70 6.45 28.58
CA GLY B 137 16.85 6.27 29.77
C GLY B 137 16.58 4.81 30.01
N PHE B 138 16.28 4.46 31.25
CA PHE B 138 15.86 3.12 31.60
C PHE B 138 14.59 3.22 32.44
N VAL B 139 13.48 2.70 31.89
CA VAL B 139 12.18 2.77 32.55
C VAL B 139 12.00 1.44 33.25
N THR B 140 11.72 1.48 34.54
CA THR B 140 11.66 0.26 35.32
C THR B 140 10.33 -0.44 35.12
N ARG B 141 10.35 -1.76 35.17
CA ARG B 141 9.16 -2.59 34.98
C ARG B 141 8.18 -2.42 36.14
N GLU B 142 8.72 -2.19 37.35
CA GLU B 142 7.87 -1.91 38.50
C GLU B 142 7.03 -0.64 38.35
N PHE B 143 7.61 0.44 37.81
CA PHE B 143 6.85 1.65 37.46
C PHE B 143 5.70 1.37 36.46
N LEU B 144 6.02 0.63 35.39
CA LEU B 144 5.03 0.28 34.38
C LEU B 144 3.89 -0.58 34.94
N ARG B 145 4.20 -1.43 35.92
CA ARG B 145 3.23 -2.25 36.65
C ARG B 145 2.37 -1.39 37.57
N SER B 146 2.85 -0.18 37.85
CA SER B 146 2.19 0.71 38.78
C SER B 146 1.13 1.58 38.09
N LEU B 147 1.04 1.51 36.77
CA LEU B 147 0.07 2.31 36.03
C LEU B 147 -1.33 1.70 36.14
N ARG B 148 -2.33 2.52 35.86
CA ARG B 148 -3.74 2.10 35.93
C ARG B 148 -4.05 0.91 35.02
N LYS B 149 -5.03 0.11 35.45
CA LYS B 149 -5.26 -1.24 34.95
C LYS B 149 -5.25 -1.51 33.46
N PRO B 150 -5.93 -0.68 32.63
CA PRO B 150 -5.85 -1.08 31.22
C PRO B 150 -4.39 -1.08 30.72
N PHE B 151 -3.65 -0.02 31.05
CA PHE B 151 -2.29 0.20 30.55
C PHE B 151 -1.23 -0.74 31.14
N SER B 152 -1.29 -0.98 32.45
CA SER B 152 -0.36 -1.89 33.13
C SER B 152 -0.33 -3.28 32.50
N ASP B 153 -1.48 -3.87 32.21
CA ASP B 153 -1.43 -5.20 31.64
C ASP B 153 -1.45 -5.24 30.11
N ILE B 154 -1.40 -4.09 29.46
CA ILE B 154 -0.97 -4.06 28.07
C ILE B 154 0.54 -4.36 27.98
N ILE B 155 1.32 -3.77 28.88
CA ILE B 155 2.79 -3.82 28.87
C ILE B 155 3.44 -5.09 29.43
N GLU B 156 2.89 -5.60 30.55
CA GLU B 156 3.48 -6.74 31.24
C GLU B 156 3.63 -8.02 30.39
N PRO B 157 2.60 -8.40 29.60
CA PRO B 157 2.77 -9.59 28.73
C PRO B 157 3.99 -9.50 27.80
N LYS B 158 4.33 -8.28 27.37
CA LYS B 158 5.49 -8.06 26.47
C LYS B 158 6.82 -8.31 27.16
N PHE B 159 6.96 -7.81 28.39
CA PHE B 159 8.04 -8.24 29.28
C PHE B 159 8.15 -9.76 29.47
N GLU B 160 7.01 -10.42 29.71
CA GLU B 160 7.04 -11.86 29.93
C GLU B 160 7.56 -12.59 28.68
N PHE B 161 7.03 -12.22 27.53
CA PHE B 161 7.54 -12.78 26.28
C PHE B 161 9.05 -12.50 26.12
N ALA B 162 9.47 -11.27 26.43
CA ALA B 162 10.85 -10.84 26.18
C ALA B 162 11.92 -11.58 27.00
N VAL B 163 11.66 -11.80 28.29
CA VAL B 163 12.64 -12.44 29.17
C VAL B 163 12.89 -13.88 28.74
N LYS B 164 11.81 -14.56 28.38
CA LYS B 164 11.87 -15.90 27.80
C LYS B 164 12.61 -15.91 26.46
N PHE B 165 12.26 -14.99 25.57
CA PHE B 165 12.90 -14.88 24.27
C PHE B 165 14.42 -14.71 24.41
N ASN B 166 14.83 -13.86 25.34
CA ASN B 166 16.24 -13.59 25.59
C ASN B 166 17.09 -14.82 25.98
N ALA B 167 16.43 -15.83 26.55
CA ALA B 167 17.10 -17.09 26.93
C ALA B 167 17.61 -17.89 25.72
N LEU B 168 17.07 -17.59 24.53
CA LEU B 168 17.53 -18.20 23.28
C LEU B 168 18.88 -17.61 22.84
N GLU B 169 19.20 -16.45 23.39
CA GLU B 169 20.47 -15.74 23.17
C GLU B 169 20.82 -15.48 21.69
N LEU B 170 19.83 -14.99 20.94
CA LEU B 170 20.05 -14.60 19.54
C LEU B 170 20.95 -13.39 19.49
N ASP B 171 21.65 -13.19 18.38
CA ASP B 171 22.31 -11.91 18.17
C ASP B 171 21.63 -11.12 17.04
N ASP B 172 22.20 -9.97 16.69
CA ASP B 172 21.55 -9.08 15.74
C ASP B 172 21.45 -9.73 14.35
N SER B 173 22.45 -10.54 14.02
CA SER B 173 22.49 -11.25 12.73
C SER B 173 21.39 -12.30 12.63
N ASP B 174 21.12 -12.97 13.76
CA ASP B 174 19.97 -13.87 13.87
C ASP B 174 18.65 -13.12 13.78
N LEU B 175 18.55 -12.03 14.55
CA LEU B 175 17.32 -11.21 14.61
C LEU B 175 16.88 -10.62 13.29
N ALA B 176 17.86 -10.18 12.49
CA ALA B 176 17.63 -9.65 11.16
C ALA B 176 16.87 -10.63 10.27
N LEU B 177 17.23 -11.90 10.34
CA LEU B 177 16.57 -12.87 9.50
C LEU B 177 15.19 -13.24 10.07
N PHE B 178 15.13 -13.29 11.40
CA PHE B 178 13.87 -13.59 12.14
C PHE B 178 12.79 -12.56 11.82
N ILE B 179 13.09 -11.27 11.97
CA ILE B 179 12.15 -10.21 11.62
C ILE B 179 11.76 -10.20 10.15
N ALA B 180 12.73 -10.38 9.25
CA ALA B 180 12.41 -10.59 7.84
C ALA B 180 11.37 -11.71 7.61
N ALA B 181 11.57 -12.84 8.29
CA ALA B 181 10.70 -13.98 8.13
C ALA B 181 9.32 -13.65 8.70
N ILE B 182 9.28 -12.87 9.79
CA ILE B 182 8.03 -12.40 10.38
C ILE B 182 7.20 -11.58 9.39
N ILE B 183 7.82 -10.59 8.75
CA ILE B 183 7.18 -9.69 7.78
C ILE B 183 6.65 -10.43 6.56
N LEU B 184 7.40 -11.42 6.09
CA LEU B 184 6.93 -12.22 4.97
C LEU B 184 6.08 -13.45 5.31
N CYS B 185 5.11 -13.30 6.21
CA CYS B 185 4.14 -14.40 6.46
C CYS B 185 3.06 -14.53 5.38
N GLY B 186 2.96 -15.72 4.81
CA GLY B 186 2.08 -15.97 3.67
C GLY B 186 0.62 -16.16 4.08
N ASP B 187 0.38 -16.30 5.38
CA ASP B 187 -0.99 -16.54 5.88
C ASP B 187 -1.65 -15.31 6.47
N ARG B 188 -1.18 -14.11 6.14
CA ARG B 188 -1.82 -12.90 6.64
C ARG B 188 -3.19 -12.76 5.97
N PRO B 189 -4.22 -12.35 6.74
CA PRO B 189 -5.57 -12.17 6.19
C PRO B 189 -5.59 -11.19 5.01
N GLY B 190 -6.24 -11.62 3.93
CA GLY B 190 -6.48 -10.77 2.76
C GLY B 190 -5.29 -10.61 1.82
N LEU B 191 -4.29 -11.49 1.94
CA LEU B 191 -3.13 -11.42 1.05
C LEU B 191 -3.52 -11.79 -0.37
N MET B 192 -3.01 -11.06 -1.35
CA MET B 192 -3.39 -11.33 -2.71
C MET B 192 -2.61 -12.47 -3.33
N ASN B 193 -1.28 -12.36 -3.33
CA ASN B 193 -0.45 -13.38 -3.95
C ASN B 193 0.16 -14.27 -2.86
N VAL B 194 -0.63 -15.17 -2.32
CA VAL B 194 -0.16 -16.04 -1.25
C VAL B 194 1.08 -16.83 -1.66
N PRO B 195 1.05 -17.52 -2.80
CA PRO B 195 2.20 -18.33 -3.22
C PRO B 195 3.53 -17.58 -3.37
N ARG B 196 3.51 -16.35 -3.85
CA ARG B 196 4.74 -15.58 -4.02
C ARG B 196 5.35 -15.21 -2.65
N VAL B 197 4.51 -14.71 -1.74
CA VAL B 197 4.92 -14.39 -0.36
C VAL B 197 5.50 -15.62 0.34
N GLU B 198 4.86 -16.77 0.17
CA GLU B 198 5.30 -18.03 0.77
C GLU B 198 6.68 -18.41 0.26
N ALA B 199 6.87 -18.27 -1.05
CA ALA B 199 8.16 -18.56 -1.69
C ALA B 199 9.28 -17.67 -1.16
N ILE B 200 9.06 -16.36 -1.08
CA ILE B 200 10.06 -15.46 -0.51
C ILE B 200 10.34 -15.82 0.94
N GLN B 201 9.30 -16.13 1.73
CA GLN B 201 9.51 -16.51 3.13
C GLN B 201 10.39 -17.76 3.26
N ASP B 202 10.17 -18.72 2.37
CA ASP B 202 10.90 -19.96 2.45
C ASP B 202 12.39 -19.70 2.24
N THR B 203 12.71 -18.79 1.31
CA THR B 203 14.10 -18.40 1.05
C THR B 203 14.76 -17.82 2.31
N ILE B 204 14.06 -16.92 3.01
CA ILE B 204 14.53 -16.35 4.27
C ILE B 204 14.76 -17.44 5.32
N LEU B 205 13.83 -18.36 5.43
CA LEU B 205 13.90 -19.41 6.44
C LEU B 205 15.02 -20.41 6.20
N ARG B 206 15.28 -20.76 4.95
CA ARG B 206 16.41 -21.63 4.62
C ARG B 206 17.69 -20.93 5.03
N ALA B 207 17.77 -19.64 4.71
CA ALA B 207 18.88 -18.78 5.17
C ALA B 207 19.02 -18.78 6.69
N LEU B 208 17.87 -18.63 7.38
CA LEU B 208 17.88 -18.55 8.82
C LEU B 208 18.36 -19.88 9.41
N GLU B 209 17.88 -20.99 8.86
CA GLU B 209 18.30 -22.30 9.34
C GLU B 209 19.80 -22.49 9.16
N PHE B 210 20.29 -22.13 7.98
CA PHE B 210 21.74 -22.18 7.71
C PHE B 210 22.53 -21.29 8.68
N HIS B 211 22.06 -20.06 8.88
CA HIS B 211 22.76 -19.11 9.74
C HIS B 211 22.85 -19.57 11.19
N LEU B 212 21.77 -20.16 11.71
CA LEU B 212 21.78 -20.72 13.08
C LEU B 212 22.77 -21.89 13.24
N GLN B 213 22.91 -22.73 12.21
CA GLN B 213 23.93 -23.83 12.20
C GLN B 213 25.33 -23.26 12.37
N ALA B 214 25.62 -22.24 11.58
CA ALA B 214 26.92 -21.57 11.57
C ALA B 214 27.17 -20.80 12.88
N ASN B 215 26.21 -19.95 13.24
CA ASN B 215 26.31 -19.02 14.36
C ASN B 215 26.15 -19.67 15.73
N HIS B 216 25.29 -20.69 15.80
CA HIS B 216 24.96 -21.38 17.07
C HIS B 216 25.16 -22.90 16.93
N PRO B 217 26.42 -23.35 16.76
CA PRO B 217 26.61 -24.75 16.35
C PRO B 217 26.08 -25.74 17.40
N ASP B 218 26.20 -25.38 18.68
CA ASP B 218 25.84 -26.28 19.76
C ASP B 218 24.39 -26.16 20.20
N ALA B 219 23.68 -25.18 19.64
CA ALA B 219 22.30 -24.93 20.06
C ALA B 219 21.36 -25.87 19.31
N GLN B 220 21.23 -27.06 19.87
CA GLN B 220 20.28 -28.04 19.38
C GLN B 220 18.91 -27.39 19.45
N GLN B 221 18.14 -27.55 18.36
CA GLN B 221 16.71 -27.26 18.35
C GLN B 221 16.33 -25.78 18.24
N LEU B 222 17.30 -24.90 17.96
CA LEU B 222 17.05 -23.46 17.90
C LEU B 222 16.04 -23.08 16.82
N PHE B 223 16.15 -23.69 15.64
CA PHE B 223 15.30 -23.31 14.52
C PHE B 223 13.81 -23.70 14.71
N PRO B 224 13.50 -24.94 15.14
CA PRO B 224 12.08 -25.16 15.49
C PRO B 224 11.62 -24.29 16.68
N LYS B 225 12.53 -23.97 17.61
CA LYS B 225 12.20 -23.10 18.75
C LYS B 225 11.76 -21.72 18.27
N LEU B 226 12.49 -21.19 17.29
CA LEU B 226 12.18 -19.90 16.65
C LEU B 226 10.90 -19.89 15.83
N LEU B 227 10.64 -20.97 15.08
CA LEU B 227 9.39 -21.08 14.35
C LEU B 227 8.21 -21.04 15.34
N GLN B 228 8.37 -21.67 16.51
CA GLN B 228 7.33 -21.63 17.56
C GLN B 228 7.18 -20.22 18.17
N LYS B 229 8.28 -19.50 18.28
CA LYS B 229 8.28 -18.11 18.75
C LYS B 229 7.46 -17.20 17.81
N MET B 230 7.44 -17.52 16.52
CA MET B 230 6.66 -16.76 15.54
C MET B 230 5.15 -16.96 15.78
N ALA B 231 4.75 -18.20 16.06
CA ALA B 231 3.34 -18.43 16.45
C ALA B 231 3.02 -17.79 17.80
N ASP B 232 3.94 -17.85 18.75
CA ASP B 232 3.76 -17.15 20.03
C ASP B 232 3.54 -15.65 19.82
N LEU B 233 4.35 -15.04 18.96
CA LEU B 233 4.19 -13.61 18.65
C LEU B 233 2.85 -13.32 17.99
N ARG B 234 2.40 -14.18 17.10
CA ARG B 234 1.13 -13.92 16.48
C ARG B 234 0.02 -13.87 17.55
N GLN B 235 0.12 -14.73 18.56
CA GLN B 235 -0.93 -14.76 19.63
C GLN B 235 -0.74 -13.57 20.59
N LEU B 236 0.51 -13.22 20.90
CA LEU B 236 0.82 -11.99 21.67
C LEU B 236 0.15 -10.78 20.99
N VAL B 237 0.28 -10.71 19.68
CA VAL B 237 -0.21 -9.56 18.95
C VAL B 237 -1.73 -9.60 18.84
N THR B 238 -2.27 -10.78 18.58
CA THR B 238 -3.74 -10.96 18.63
C THR B 238 -4.30 -10.41 19.93
N GLU B 239 -3.71 -10.78 21.06
CA GLU B 239 -4.17 -10.35 22.37
C GLU B 239 -3.92 -8.86 22.60
N HIS B 240 -2.77 -8.37 22.10
CA HIS B 240 -2.51 -6.93 22.09
C HIS B 240 -3.55 -6.11 21.34
N ALA B 241 -3.90 -6.55 20.13
CA ALA B 241 -4.90 -5.85 19.32
C ALA B 241 -6.29 -5.79 20.04
N GLN B 242 -6.70 -6.90 20.62
CA GLN B 242 -8.00 -6.92 21.36
C GLN B 242 -7.98 -5.85 22.45
N MET B 243 -6.86 -5.73 23.17
CA MET B 243 -6.70 -4.71 24.23
C MET B 243 -6.67 -3.26 23.76
N MET B 244 -6.00 -3.03 22.63
CA MET B 244 -5.96 -1.71 22.01
C MET B 244 -7.32 -1.34 21.43
N GLN B 245 -7.95 -2.30 20.75
CA GLN B 245 -9.31 -2.16 20.22
C GLN B 245 -10.31 -1.78 21.32
N ARG B 246 -10.09 -2.29 22.51
CA ARG B 246 -10.98 -2.08 23.64
C ARG B 246 -10.74 -0.71 24.29
N ILE B 247 -9.46 -0.34 24.51
CA ILE B 247 -9.11 1.01 24.99
C ILE B 247 -9.76 2.09 24.11
N LYS B 248 -9.83 1.83 22.81
CA LYS B 248 -10.49 2.74 21.88
C LYS B 248 -11.96 3.00 22.25
N LYS B 249 -12.64 2.01 22.82
CA LYS B 249 -14.02 2.22 23.28
C LYS B 249 -14.10 2.68 24.73
N THR B 250 -13.66 1.83 25.68
CA THR B 250 -13.78 2.12 27.12
C THR B 250 -13.07 3.39 27.59
N GLU B 251 -11.92 3.69 26.99
CA GLU B 251 -11.12 4.86 27.36
C GLU B 251 -11.37 6.01 26.40
N THR B 252 -12.48 6.70 26.63
CA THR B 252 -13.02 7.70 25.68
C THR B 252 -12.06 8.88 25.43
N GLU B 253 -11.38 9.31 26.48
CA GLU B 253 -10.54 10.51 26.45
C GLU B 253 -9.18 10.29 25.78
N THR B 254 -8.70 9.05 25.73
CA THR B 254 -7.31 8.83 25.32
C THR B 254 -7.18 8.61 23.81
N SER B 255 -6.26 9.35 23.20
CA SER B 255 -6.13 9.27 21.77
C SER B 255 -5.25 8.10 21.32
N LEU B 256 -5.48 7.65 20.08
CA LEU B 256 -4.68 6.63 19.41
C LEU B 256 -4.09 7.26 18.16
N HIS B 257 -2.79 7.12 17.96
CA HIS B 257 -2.14 7.62 16.74
C HIS B 257 -2.91 7.13 15.49
N PRO B 258 -3.10 7.98 14.46
CA PRO B 258 -3.90 7.50 13.31
C PRO B 258 -3.30 6.33 12.56
N LEU B 259 -2.00 6.15 12.59
CA LEU B 259 -1.42 4.99 11.90
C LEU B 259 -1.72 3.70 12.68
N LEU B 260 -1.63 3.78 14.00
CA LEU B 260 -2.02 2.66 14.88
C LEU B 260 -3.50 2.34 14.74
N GLN B 261 -4.34 3.38 14.71
CA GLN B 261 -5.76 3.20 14.42
C GLN B 261 -5.92 2.38 13.11
N GLU B 262 -5.13 2.69 12.08
CA GLU B 262 -5.23 2.00 10.78
C GLU B 262 -4.76 0.56 10.90
N ILE B 263 -3.67 0.35 11.64
CA ILE B 263 -3.13 -1.00 11.86
C ILE B 263 -4.14 -1.92 12.58
N TYR B 264 -4.80 -1.40 13.61
CA TYR B 264 -5.76 -2.23 14.39
C TYR B 264 -7.17 -2.31 13.77
N LYS B 265 -7.46 -1.42 12.83
CA LYS B 265 -8.74 -1.44 12.09
C LYS B 265 -8.99 -2.80 11.44
N ASP B 266 -10.02 -3.48 11.90
CA ASP B 266 -10.42 -4.79 11.35
C ASP B 266 -9.33 -5.87 11.49
N MET B 267 -8.51 -5.78 12.54
CA MET B 267 -7.42 -6.75 12.73
C MET B 267 -7.87 -7.85 13.68
C5 B7G C . -5.64 -0.27 3.97
O5 B7G C . -4.67 -0.11 5.04
C1 B7G C . -4.86 -0.84 6.27
C2 B7G C . -6.29 -0.67 6.81
C3 B7G C . -7.26 -1.15 5.74
C4 B7G C . -7.11 -0.34 4.45
C6 B7G C . -5.48 0.90 2.99
O1 B7G C . -3.99 -0.29 7.26
C7 B7G C . -2.61 -0.67 7.14
C8 B7G C . -1.82 0.34 7.96
C9 B7G C . -0.41 -0.18 8.16
C10 B7G C . 0.47 0.67 7.29
C11 B7G C . 1.94 0.48 7.61
C12 B7G C . 2.76 1.03 6.45
O2 B7G C . -6.50 -1.45 8.00
O3 B7G C . -8.60 -1.05 6.20
O4 B7G C . -7.92 -0.99 3.48
O6 B7G C . -4.17 0.85 2.40
C13 B7G C . 2.47 2.49 6.19
O2 VCA D . -10.89 -3.28 -14.69
C1 VCA D . -12.01 -3.80 -14.82
O1 VCA D . -13.06 -3.47 -14.22
C2 VCA D . -12.12 -4.95 -15.81
C3 VCA D . -13.42 -4.86 -16.62
C4 VCA D . -13.60 -3.46 -17.22
C5 VCA D . -15.00 -3.28 -17.79
C6 VCA D . -14.94 -2.82 -19.25
C7 VCA D . -14.76 -1.30 -19.35
C8 VCA D . -13.45 -0.95 -20.05
C9 VCA D . -13.48 -1.38 -21.51
C10 VCA D . -12.34 -0.73 -22.30
C11 VCA D . -11.10 -1.12 -21.79
C12 VCA D . -10.19 -1.77 -22.61
C13 VCA D . -10.51 -2.04 -23.93
C14 VCA D . -10.19 -3.49 -24.29
C15 VCA D . -11.26 -4.09 -25.18
C16 VCA D . -10.77 -5.37 -25.86
C17 VCA D . -11.94 -6.19 -26.41
C18 VCA D . -11.45 -7.50 -27.03
C5 B7G E . -5.77 -3.46 1.24
O5 B7G E . -5.82 -3.54 -0.20
C1 B7G E . -7.08 -3.14 -0.79
C2 B7G E . -8.19 -4.05 -0.26
C3 B7G E . -8.29 -3.87 1.26
C4 B7G E . -6.95 -4.16 1.93
C6 B7G E . -4.48 -4.11 1.74
O1 B7G E . -6.99 -3.29 -2.21
C7 B7G E . -6.35 -2.20 -2.87
C8 B7G E . -6.11 -2.58 -4.32
C9 B7G E . -5.48 -1.39 -5.03
C10 B7G E . -4.15 -1.81 -5.59
C11 B7G E . -3.31 -0.61 -5.98
C12 B7G E . -2.11 -1.07 -6.80
O2 B7G E . -9.45 -3.72 -0.84
O3 B7G E . -9.30 -4.73 1.77
O4 B7G E . -6.98 -3.75 3.30
O6 B7G E . -3.37 -3.40 1.22
C13 B7G E . -1.04 -1.62 -5.88
O2 VCA F . 1.97 0.37 18.92
C1 VCA F . 1.12 0.32 19.83
O1 VCA F . 0.18 -0.50 19.93
C2 VCA F . 1.24 1.37 20.94
C3 VCA F . 1.05 0.73 22.32
C4 VCA F . 2.27 -0.08 22.73
C5 VCA F . 2.38 -0.20 24.25
C6 VCA F . 2.06 -1.62 24.72
C7 VCA F . 3.22 -2.57 24.40
C8 VCA F . 4.57 -1.87 24.60
C9 VCA F . 5.40 -1.94 23.32
C10 VCA F . 6.62 -1.02 23.41
C11 VCA F . 6.24 0.32 23.39
C12 VCA F . 7.16 1.31 23.68
C13 VCA F . 8.48 0.96 24.00
C14 VCA F . 8.90 1.57 25.34
C15 VCA F . 8.33 2.98 25.51
C16 VCA F . 8.85 3.62 26.80
C17 VCA F . 7.69 4.04 27.70
C18 VCA F . 7.99 5.36 28.41
#